data_1ODN
#
_entry.id   1ODN
#
_cell.length_a   46.742
_cell.length_b   70.966
_cell.length_c   101.010
_cell.angle_alpha   90.00
_cell.angle_beta   90.00
_cell.angle_gamma   90.00
#
_symmetry.space_group_name_H-M   'P 21 21 21'
#
loop_
_entity.id
_entity.type
_entity.pdbx_description
1 polymer 'ISOPENICILLIN N SYNTHASE'
2 non-polymer '6-(5-AMINO-5-CARBOXY-PENTANOYLAMINO)-3-HYDROXYMETHYL-7-OXO-4-THIA-1-AZA-BICYCLO[3.2.0]HEPTANE-2-CARBOXYLIC ACID'
3 non-polymer 'SULFATE ION'
4 non-polymer 'FE (II) ION'
5 water water
#
_entity_poly.entity_id   1
_entity_poly.type   'polypeptide(L)'
_entity_poly.pdbx_seq_one_letter_code
;MGSVSKANVPKIDVSPLFGDDQAAKMRVAQQIDAASRDTGFFYAVNHGINVQRLSQKTKEFHMSITPEEKWDLAIRAYNK
EHQDQVRAGYYLSIPGKKAVESFCYLNPNFTPDHPRIQAKTPTHEVNVWPDETKHPGFQDFAEQYYWDVFGLSSALLKGY
ALALGKEENFFARHFKPDDTLASVVLIRYPYLDPYPEAAIKTAADGTKLSFEWHEDVSLITVLYQSNVQNLQVETAAGYQ
DIEADDTGYLINCGSYMAHLTNNYYKAPIHRVKWVNAERQSLPFFVNLGYDSVIDPFDPREPNGKSDREPLSYGDYLQNG
LVSLINKNGQT
;
_entity_poly.pdbx_strand_id   A
#
loop_
_chem_comp.id
_chem_comp.type
_chem_comp.name
_chem_comp.formula
APV non-polymer '6-(5-AMINO-5-CARBOXY-PENTANOYLAMINO)-3-HYDROXYMETHYL-7-OXO-4-THIA-1-AZA-BICYCLO[3.2.0]HEPTANE-2-CARBOXYLIC ACID' 'C13 H19 N3 O7 S'
FE2 non-polymer 'FE (II) ION' 'Fe 2'
SO4 non-polymer 'SULFATE ION' 'O4 S -2'
#
# COMPACT_ATOMS: atom_id res chain seq x y z
N SER A 3 1.72 25.09 15.28
CA SER A 3 1.99 23.70 14.82
C SER A 3 0.84 23.22 13.97
N VAL A 4 1.02 22.00 13.46
CA VAL A 4 0.06 21.34 12.61
C VAL A 4 -1.07 20.74 13.45
N SER A 5 -2.32 20.91 13.02
CA SER A 5 -3.45 20.20 13.61
C SER A 5 -3.33 18.67 13.39
N LYS A 6 -3.90 17.90 14.31
CA LYS A 6 -3.99 16.45 14.17
C LYS A 6 -5.18 16.08 13.27
N ALA A 7 -4.93 15.21 12.29
CA ALA A 7 -5.98 14.70 11.41
C ALA A 7 -6.90 13.76 12.17
N ASN A 8 -8.18 13.79 11.81
CA ASN A 8 -9.15 12.84 12.34
C ASN A 8 -8.99 11.52 11.63
N VAL A 9 -8.39 10.56 12.33
CA VAL A 9 -8.14 9.24 11.79
C VAL A 9 -8.70 8.26 12.81
N PRO A 10 -9.96 7.87 12.63
CA PRO A 10 -10.61 7.00 13.62
C PRO A 10 -10.07 5.59 13.64
N LYS A 11 -10.16 4.95 14.78
CA LYS A 11 -9.85 3.54 14.89
C LYS A 11 -11.15 2.78 14.73
N ILE A 12 -11.20 1.92 13.74
CA ILE A 12 -12.35 1.10 13.42
C ILE A 12 -12.04 -0.37 13.65
N ASP A 13 -12.86 -0.99 14.49
CA ASP A 13 -12.76 -2.41 14.74
C ASP A 13 -13.37 -3.11 13.54
N VAL A 14 -12.51 -3.73 12.76
CA VAL A 14 -12.92 -4.37 11.50
C VAL A 14 -13.24 -5.84 11.69
N SER A 15 -13.12 -6.35 12.91
CA SER A 15 -13.32 -7.77 13.15
C SER A 15 -14.69 -8.29 12.64
N PRO A 16 -15.78 -7.53 12.67
CA PRO A 16 -17.01 -8.08 12.10
C PRO A 16 -16.96 -8.42 10.60
N LEU A 17 -16.02 -7.83 9.88
CA LEU A 17 -15.93 -8.07 8.44
C LEU A 17 -15.44 -9.46 8.09
N PHE A 18 -14.89 -10.17 9.10
CA PHE A 18 -14.46 -11.56 8.95
C PHE A 18 -15.56 -12.57 9.28
N GLY A 19 -16.71 -12.11 9.77
CA GLY A 19 -17.78 -12.98 10.28
C GLY A 19 -19.05 -12.90 9.47
N ASP A 20 -20.17 -13.32 10.09
CA ASP A 20 -21.46 -13.49 9.43
C ASP A 20 -22.58 -12.69 10.08
N ASP A 21 -22.23 -11.67 10.87
CA ASP A 21 -23.21 -10.78 11.46
C ASP A 21 -23.38 -9.57 10.55
N GLN A 22 -24.41 -9.62 9.71
CA GLN A 22 -24.55 -8.66 8.61
C GLN A 22 -24.80 -7.25 9.12
N ALA A 23 -25.63 -7.08 10.14
CA ALA A 23 -25.88 -5.73 10.68
C ALA A 23 -24.62 -5.15 11.30
N ALA A 24 -23.84 -5.98 11.98
CA ALA A 24 -22.57 -5.53 12.54
C ALA A 24 -21.63 -5.10 11.42
N LYS A 25 -21.61 -5.84 10.31
CA LYS A 25 -20.81 -5.41 9.15
C LYS A 25 -21.30 -4.08 8.60
N MET A 26 -22.61 -3.85 8.55
CA MET A 26 -23.11 -2.53 8.15
C MET A 26 -22.65 -1.40 9.07
N ARG A 27 -22.59 -1.64 10.38
CA ARG A 27 -22.10 -0.60 11.27
C ARG A 27 -20.61 -0.30 11.04
N VAL A 28 -19.81 -1.32 10.68
CA VAL A 28 -18.42 -1.09 10.25
C VAL A 28 -18.36 -0.28 8.96
N ALA A 29 -19.18 -0.69 7.98
CA ALA A 29 -19.26 0.01 6.68
C ALA A 29 -19.60 1.50 6.89
N GLN A 30 -20.48 1.83 7.83
CA GLN A 30 -20.80 3.22 8.05
C GLN A 30 -19.55 3.98 8.49
N GLN A 31 -18.79 3.37 9.38
CA GLN A 31 -17.56 4.02 9.86
C GLN A 31 -16.56 4.22 8.73
N ILE A 32 -16.44 3.23 7.86
CA ILE A 32 -15.58 3.36 6.69
C ILE A 32 -16.06 4.49 5.77
N ASP A 33 -17.35 4.57 5.54
CA ASP A 33 -17.95 5.63 4.74
C ASP A 33 -17.56 7.00 5.33
N ALA A 34 -17.77 7.14 6.63
CA ALA A 34 -17.53 8.43 7.28
C ALA A 34 -16.07 8.85 7.18
N ALA A 35 -15.17 7.91 7.43
CA ALA A 35 -13.74 8.21 7.35
C ALA A 35 -13.33 8.56 5.92
N SER A 36 -13.92 7.84 4.96
CA SER A 36 -13.58 8.02 3.55
C SER A 36 -14.03 9.36 3.03
N ARG A 37 -15.15 9.85 3.56
CA ARG A 37 -15.69 11.15 3.19
C ARG A 37 -15.07 12.30 3.98
N ASP A 38 -14.30 12.01 5.01
CA ASP A 38 -13.67 13.04 5.86
C ASP A 38 -12.19 13.17 5.42
N THR A 39 -11.24 12.73 6.23
CA THR A 39 -9.84 12.88 5.81
C THR A 39 -9.42 11.85 4.78
N GLY A 40 -10.12 10.72 4.71
CA GLY A 40 -9.74 9.64 3.82
C GLY A 40 -8.84 8.60 4.44
N PHE A 41 -8.57 8.70 5.74
CA PHE A 41 -7.78 7.72 6.47
C PHE A 41 -8.52 7.17 7.68
N PHE A 42 -8.27 5.90 7.98
CA PHE A 42 -8.66 5.33 9.28
C PHE A 42 -7.68 4.25 9.66
N TYR A 43 -7.64 3.91 10.95
CA TYR A 43 -6.88 2.76 11.41
C TYR A 43 -7.83 1.58 11.57
N ALA A 44 -7.49 0.48 10.91
CA ALA A 44 -8.12 -0.80 11.12
C ALA A 44 -7.49 -1.46 12.34
N VAL A 45 -8.30 -1.72 13.34
CA VAL A 45 -7.88 -2.43 14.55
C VAL A 45 -8.64 -3.72 14.69
N ASN A 46 -8.15 -4.61 15.57
CA ASN A 46 -8.68 -5.97 15.72
C ASN A 46 -8.66 -6.72 14.38
N HIS A 47 -7.54 -6.59 13.68
CA HIS A 47 -7.36 -7.10 12.30
C HIS A 47 -6.82 -8.51 12.24
N GLY A 48 -6.38 -9.00 13.38
CA GLY A 48 -5.89 -10.38 13.46
C GLY A 48 -4.46 -10.68 13.02
N ILE A 49 -3.74 -9.70 12.51
CA ILE A 49 -2.38 -9.95 12.03
C ILE A 49 -1.34 -9.67 13.12
N ASN A 50 -0.33 -10.53 13.19
CA ASN A 50 0.76 -10.36 14.14
C ASN A 50 1.76 -9.34 13.57
N VAL A 51 1.51 -8.06 13.85
CA VAL A 51 2.33 -7.01 13.27
C VAL A 51 3.67 -6.84 14.00
N GLN A 52 3.78 -7.29 15.26
CA GLN A 52 5.08 -7.19 15.92
C GLN A 52 6.05 -8.18 15.26
N ARG A 53 5.53 -9.36 14.91
CA ARG A 53 6.39 -10.38 14.30
C ARG A 53 6.75 -9.91 12.90
N LEU A 54 5.80 -9.33 12.17
CA LEU A 54 6.12 -8.69 10.87
C LEU A 54 7.27 -7.71 10.97
N SER A 55 7.17 -6.83 11.96
CA SER A 55 8.22 -5.83 12.18
C SER A 55 9.56 -6.47 12.51
N GLN A 56 9.55 -7.49 13.37
CA GLN A 56 10.77 -8.15 13.75
C GLN A 56 11.44 -8.88 12.59
N LYS A 57 10.66 -9.62 11.79
CA LYS A 57 11.25 -10.36 10.67
C LYS A 57 11.79 -9.37 9.63
N THR A 58 11.07 -8.27 9.42
CA THR A 58 11.48 -7.26 8.45
C THR A 58 12.76 -6.58 8.89
N LYS A 59 12.87 -6.28 10.16
CA LYS A 59 14.08 -5.69 10.72
C LYS A 59 15.26 -6.63 10.56
N GLU A 60 15.05 -7.92 10.83
CA GLU A 60 16.14 -8.91 10.68
C GLU A 60 16.67 -8.90 9.25
N PHE A 61 15.75 -8.81 8.30
CA PHE A 61 16.12 -8.75 6.88
C PHE A 61 16.87 -7.47 6.53
N HIS A 62 16.29 -6.31 6.84
CA HIS A 62 16.90 -5.05 6.47
C HIS A 62 18.29 -4.89 7.07
N MET A 63 18.47 -5.39 8.28
CA MET A 63 19.70 -5.14 9.00
C MET A 63 20.77 -6.14 8.67
N SER A 64 20.41 -7.25 8.05
CA SER A 64 21.39 -8.27 7.70
C SER A 64 21.76 -8.36 6.25
N ILE A 65 20.94 -7.81 5.36
CA ILE A 65 21.26 -7.86 3.93
C ILE A 65 22.50 -7.01 3.60
N THR A 66 23.34 -7.52 2.72
CA THR A 66 24.67 -6.92 2.44
C THR A 66 24.63 -6.23 1.10
N PRO A 67 25.57 -5.31 0.84
CA PRO A 67 25.63 -4.64 -0.46
C PRO A 67 25.68 -5.60 -1.63
N GLU A 68 26.41 -6.71 -1.49
CA GLU A 68 26.45 -7.73 -2.53
C GLU A 68 25.05 -8.24 -2.87
N GLU A 69 24.30 -8.61 -1.84
CA GLU A 69 22.95 -9.13 -2.04
C GLU A 69 22.01 -8.10 -2.65
N LYS A 70 22.15 -6.84 -2.26
CA LYS A 70 21.32 -5.79 -2.81
C LYS A 70 21.52 -5.63 -4.33
N TRP A 71 22.75 -5.62 -4.82
CA TRP A 71 23.00 -5.63 -6.27
C TRP A 71 22.38 -6.84 -6.93
N ASP A 72 22.49 -7.98 -6.27
CA ASP A 72 22.02 -9.26 -6.87
C ASP A 72 20.48 -9.30 -6.98
N LEU A 73 19.80 -8.55 -6.12
CA LEU A 73 18.33 -8.47 -6.09
C LEU A 73 17.78 -7.19 -6.74
N ALA A 74 18.67 -6.30 -7.20
CA ALA A 74 18.30 -4.93 -7.59
C ALA A 74 17.34 -4.86 -8.78
N ILE A 75 16.36 -3.99 -8.72
CA ILE A 75 15.53 -3.69 -9.89
C ILE A 75 16.39 -3.05 -10.98
N ARG A 76 15.82 -2.94 -12.17
CA ARG A 76 16.63 -2.46 -13.31
C ARG A 76 17.06 -1.00 -13.25
N ALA A 77 16.40 -0.17 -12.46
CA ALA A 77 16.81 1.22 -12.27
C ALA A 77 18.21 1.27 -11.67
N TYR A 78 18.58 0.23 -10.92
CA TYR A 78 19.91 0.13 -10.27
C TYR A 78 20.87 -0.87 -10.90
N ASN A 79 20.36 -1.81 -11.67
CA ASN A 79 21.17 -2.90 -12.21
C ASN A 79 20.65 -3.21 -13.61
N LYS A 80 21.40 -2.75 -14.61
CA LYS A 80 21.00 -2.93 -16.01
C LYS A 80 20.88 -4.40 -16.45
N GLU A 81 21.50 -5.32 -15.70
CA GLU A 81 21.45 -6.76 -16.03
C GLU A 81 20.04 -7.32 -15.78
N HIS A 82 19.24 -6.61 -15.02
CA HIS A 82 17.97 -7.13 -14.55
C HIS A 82 16.79 -6.49 -15.25
N GLN A 83 16.76 -6.59 -16.59
CA GLN A 83 15.76 -5.89 -17.39
C GLN A 83 14.31 -6.36 -17.10
N ASP A 84 14.13 -7.58 -16.61
CA ASP A 84 12.78 -8.08 -16.24
C ASP A 84 12.27 -7.57 -14.88
N GLN A 85 13.12 -6.94 -14.08
CA GLN A 85 12.74 -6.46 -12.76
C GLN A 85 12.42 -4.98 -12.79
N VAL A 86 11.16 -4.66 -13.04
CA VAL A 86 10.71 -3.29 -12.97
C VAL A 86 10.14 -2.98 -11.60
N ARG A 87 9.34 -3.92 -11.08
CA ARG A 87 8.59 -3.78 -9.83
C ARG A 87 9.28 -4.53 -8.67
N ALA A 88 9.56 -5.81 -8.88
CA ALA A 88 9.98 -6.70 -7.81
C ALA A 88 11.49 -6.68 -7.64
N GLY A 89 11.94 -6.64 -6.40
CA GLY A 89 13.35 -6.63 -6.08
C GLY A 89 13.73 -5.52 -5.11
N TYR A 90 15.05 -5.26 -5.09
CA TYR A 90 15.62 -4.32 -4.15
C TYR A 90 15.79 -2.96 -4.80
N TYR A 91 15.41 -1.93 -4.03
CA TYR A 91 15.53 -0.54 -4.39
C TYR A 91 16.60 0.05 -3.47
N LEU A 92 17.78 0.30 -4.01
CA LEU A 92 18.94 0.64 -3.20
C LEU A 92 18.88 2.09 -2.69
N SER A 93 19.53 2.31 -1.54
CA SER A 93 19.82 3.66 -1.06
C SER A 93 21.02 4.14 -1.84
N ILE A 94 21.24 5.44 -1.81
CA ILE A 94 22.46 6.00 -2.36
C ILE A 94 23.10 6.84 -1.24
N PRO A 95 24.07 6.31 -0.48
CA PRO A 95 24.62 7.07 0.65
C PRO A 95 25.11 8.45 0.26
N GLY A 96 24.82 9.43 1.11
CA GLY A 96 25.06 10.83 0.79
C GLY A 96 23.96 11.50 -0.05
N LYS A 97 23.00 10.74 -0.57
CA LYS A 97 22.00 11.26 -1.53
C LYS A 97 20.55 10.83 -1.31
N LYS A 98 20.31 9.53 -1.15
CA LYS A 98 18.97 8.95 -1.11
C LYS A 98 18.99 8.02 0.06
N ALA A 99 18.17 8.30 1.06
CA ALA A 99 18.33 7.60 2.34
C ALA A 99 17.54 6.29 2.35
N VAL A 100 16.33 6.34 1.83
CA VAL A 100 15.43 5.20 1.83
C VAL A 100 15.92 4.05 0.96
N GLU A 101 15.55 2.85 1.38
CA GLU A 101 15.78 1.65 0.58
C GLU A 101 14.62 0.69 0.84
N SER A 102 14.32 -0.20 -0.11
CA SER A 102 13.15 -1.04 0.04
C SER A 102 13.29 -2.32 -0.75
N PHE A 103 12.42 -3.27 -0.40
CA PHE A 103 12.33 -4.54 -1.12
C PHE A 103 10.89 -4.75 -1.45
N CYS A 104 10.58 -4.96 -2.73
CA CYS A 104 9.19 -5.17 -3.18
C CYS A 104 9.01 -6.59 -3.66
N TYR A 105 7.88 -7.18 -3.32
CA TYR A 105 7.47 -8.42 -3.91
C TYR A 105 5.99 -8.41 -4.27
N LEU A 106 5.66 -9.30 -5.21
CA LEU A 106 4.36 -9.42 -5.81
C LEU A 106 3.72 -10.76 -5.42
N ASN A 107 2.58 -11.03 -6.02
CA ASN A 107 1.87 -12.31 -5.83
C ASN A 107 2.81 -13.52 -5.92
N PRO A 108 2.92 -14.31 -4.85
CA PRO A 108 3.73 -15.54 -4.91
C PRO A 108 3.29 -16.55 -5.98
N ASN A 109 2.05 -16.45 -6.43
CA ASN A 109 1.55 -17.31 -7.50
C ASN A 109 2.07 -16.91 -8.90
N PHE A 110 2.77 -15.78 -9.02
CA PHE A 110 3.40 -15.41 -10.31
C PHE A 110 4.70 -16.20 -10.42
N THR A 111 4.57 -17.44 -10.82
CA THR A 111 5.67 -18.35 -11.02
C THR A 111 6.00 -18.37 -12.51
N PRO A 112 7.13 -19.00 -12.87
CA PRO A 112 7.48 -19.07 -14.30
C PRO A 112 6.40 -19.67 -15.22
N ASP A 113 5.57 -20.57 -14.71
CA ASP A 113 4.52 -21.21 -15.49
C ASP A 113 3.18 -20.48 -15.45
N HIS A 114 3.09 -19.36 -14.75
CA HIS A 114 1.83 -18.63 -14.68
C HIS A 114 1.53 -18.08 -16.08
N PRO A 115 0.28 -18.17 -16.56
CA PRO A 115 0.00 -17.72 -17.94
C PRO A 115 0.39 -16.26 -18.22
N ARG A 116 0.27 -15.37 -17.24
CA ARG A 116 0.62 -13.97 -17.47
C ARG A 116 2.12 -13.75 -17.50
N ILE A 117 2.87 -14.62 -16.81
CA ILE A 117 4.34 -14.56 -16.85
C ILE A 117 4.80 -15.12 -18.19
N GLN A 118 4.22 -16.24 -18.60
CA GLN A 118 4.48 -16.80 -19.93
C GLN A 118 4.24 -15.79 -21.05
N ALA A 119 3.16 -15.04 -20.96
CA ALA A 119 2.79 -14.05 -21.98
C ALA A 119 3.63 -12.78 -21.88
N LYS A 120 4.40 -12.64 -20.81
CA LYS A 120 5.14 -11.42 -20.52
C LYS A 120 4.24 -10.20 -20.44
N THR A 121 3.11 -10.37 -19.77
CA THR A 121 2.15 -9.30 -19.63
C THR A 121 2.73 -8.21 -18.72
N PRO A 122 2.67 -6.94 -19.12
CA PRO A 122 3.16 -5.86 -18.26
C PRO A 122 2.58 -5.95 -16.83
N THR A 123 3.42 -5.55 -15.88
CA THR A 123 3.17 -5.47 -14.42
C THR A 123 3.22 -6.81 -13.70
N HIS A 124 3.41 -7.90 -14.45
CA HIS A 124 3.59 -9.22 -13.82
C HIS A 124 5.05 -9.63 -13.86
N GLU A 125 5.59 -10.07 -12.73
CA GLU A 125 7.00 -10.48 -12.62
C GLU A 125 7.06 -11.59 -11.62
N VAL A 126 8.08 -12.43 -11.75
CA VAL A 126 8.36 -13.46 -10.77
C VAL A 126 9.25 -12.84 -9.69
N ASN A 127 8.84 -13.00 -8.44
CA ASN A 127 9.61 -12.48 -7.35
C ASN A 127 11.06 -12.99 -7.34
N VAL A 128 11.94 -12.14 -6.82
CA VAL A 128 13.32 -12.49 -6.50
C VAL A 128 13.52 -12.50 -5.01
N TRP A 129 14.36 -13.43 -4.55
CA TRP A 129 14.57 -13.64 -3.11
C TRP A 129 16.03 -13.80 -2.79
N PRO A 130 16.44 -13.36 -1.60
CA PRO A 130 17.81 -13.61 -1.15
C PRO A 130 18.04 -15.11 -0.92
N ASP A 131 19.31 -15.45 -0.76
CA ASP A 131 19.71 -16.82 -0.49
C ASP A 131 19.10 -17.28 0.84
N GLU A 132 18.49 -18.45 0.81
CA GLU A 132 17.84 -18.99 2.00
C GLU A 132 18.82 -19.18 3.15
N THR A 133 20.05 -19.61 2.86
CA THR A 133 21.02 -19.84 3.95
C THR A 133 21.43 -18.56 4.66
N LYS A 134 21.47 -17.44 3.94
CA LYS A 134 21.77 -16.12 4.52
C LYS A 134 20.59 -15.48 5.24
N HIS A 135 19.38 -15.87 4.82
CA HIS A 135 18.15 -15.28 5.37
C HIS A 135 17.14 -16.39 5.67
N PRO A 136 17.48 -17.26 6.59
CA PRO A 136 16.63 -18.43 6.81
C PRO A 136 15.22 -18.03 7.20
N GLY A 137 14.25 -18.62 6.51
CA GLY A 137 12.85 -18.43 6.82
C GLY A 137 12.24 -17.18 6.25
N PHE A 138 13.05 -16.29 5.67
CA PHE A 138 12.52 -14.99 5.25
C PHE A 138 11.52 -15.11 4.10
N GLN A 139 11.85 -15.87 3.08
CA GLN A 139 10.94 -16.01 1.95
C GLN A 139 9.62 -16.61 2.42
N ASP A 140 9.68 -17.67 3.21
CA ASP A 140 8.44 -18.31 3.66
C ASP A 140 7.61 -17.36 4.51
N PHE A 141 8.28 -16.61 5.39
CA PHE A 141 7.60 -15.62 6.20
C PHE A 141 6.93 -14.53 5.33
N ALA A 142 7.66 -14.04 4.34
CA ALA A 142 7.17 -12.95 3.51
C ALA A 142 6.00 -13.39 2.64
N GLU A 143 6.06 -14.62 2.14
CA GLU A 143 4.96 -15.15 1.33
C GLU A 143 3.72 -15.35 2.21
N GLN A 144 3.90 -15.94 3.40
CA GLN A 144 2.78 -16.07 4.33
C GLN A 144 2.17 -14.70 4.66
N TYR A 145 3.03 -13.69 4.85
CA TYR A 145 2.54 -12.34 5.18
C TYR A 145 1.66 -11.82 4.05
N TYR A 146 2.10 -12.02 2.81
CA TYR A 146 1.28 -11.65 1.66
C TYR A 146 -0.14 -12.20 1.80
N TRP A 147 -0.29 -13.48 2.14
CA TRP A 147 -1.61 -14.05 2.23
C TRP A 147 -2.38 -13.57 3.47
N ASP A 148 -1.67 -13.29 4.56
CA ASP A 148 -2.31 -12.73 5.78
C ASP A 148 -2.87 -11.36 5.45
N VAL A 149 -2.09 -10.50 4.78
CA VAL A 149 -2.55 -9.14 4.50
C VAL A 149 -3.57 -9.13 3.34
N PHE A 150 -3.46 -10.14 2.47
CA PHE A 150 -4.48 -10.36 1.44
C PHE A 150 -5.84 -10.63 2.09
N GLY A 151 -5.82 -11.44 3.14
CA GLY A 151 -7.05 -11.78 3.83
C GLY A 151 -7.69 -10.59 4.52
N LEU A 152 -6.85 -9.80 5.20
CA LEU A 152 -7.34 -8.54 5.80
C LEU A 152 -7.95 -7.64 4.73
N SER A 153 -7.24 -7.54 3.60
CA SER A 153 -7.63 -6.62 2.54
C SER A 153 -8.94 -7.06 1.92
N SER A 154 -9.14 -8.37 1.77
CA SER A 154 -10.43 -8.88 1.26
C SER A 154 -11.59 -8.46 2.18
N ALA A 155 -11.36 -8.60 3.49
CA ALA A 155 -12.34 -8.21 4.48
C ALA A 155 -12.63 -6.70 4.38
N LEU A 156 -11.58 -5.88 4.29
CA LEU A 156 -11.76 -4.43 4.15
C LEU A 156 -12.53 -4.09 2.87
N LEU A 157 -12.25 -4.79 1.77
CA LEU A 157 -12.97 -4.53 0.52
C LEU A 157 -14.47 -4.84 0.66
N LYS A 158 -14.81 -5.80 1.50
CA LYS A 158 -16.23 -6.09 1.80
C LYS A 158 -16.86 -4.89 2.49
N GLY A 159 -16.13 -4.29 3.45
CA GLY A 159 -16.59 -3.09 4.14
C GLY A 159 -16.76 -1.89 3.21
N TYR A 160 -15.83 -1.71 2.27
CA TYR A 160 -15.95 -0.61 1.29
C TYR A 160 -17.14 -0.80 0.37
N ALA A 161 -17.37 -2.04 -0.05
CA ALA A 161 -18.50 -2.37 -0.91
C ALA A 161 -19.81 -2.04 -0.21
N LEU A 162 -19.95 -2.50 1.03
CA LEU A 162 -21.17 -2.21 1.80
C LEU A 162 -21.34 -0.72 2.02
N ALA A 163 -20.24 -0.01 2.27
CA ALA A 163 -20.27 1.44 2.51
C ALA A 163 -20.83 2.19 1.30
N LEU A 164 -20.55 1.68 0.11
CA LEU A 164 -20.96 2.34 -1.15
C LEU A 164 -22.34 1.87 -1.63
N GLY A 165 -23.02 1.04 -0.86
CA GLY A 165 -24.35 0.60 -1.21
C GLY A 165 -24.39 -0.63 -2.11
N LYS A 166 -23.27 -1.36 -2.20
CA LYS A 166 -23.13 -2.50 -3.08
C LYS A 166 -23.17 -3.79 -2.25
N GLU A 167 -23.29 -4.93 -2.95
CA GLU A 167 -23.16 -6.24 -2.29
C GLU A 167 -21.70 -6.42 -1.85
N GLU A 168 -21.45 -7.23 -0.83
CA GLU A 168 -20.13 -7.22 -0.18
C GLU A 168 -19.01 -7.74 -1.08
N ASN A 169 -19.34 -8.53 -2.10
CA ASN A 169 -18.28 -8.99 -3.02
C ASN A 169 -18.01 -8.09 -4.23
N PHE A 170 -18.51 -6.85 -4.22
CA PHE A 170 -18.42 -5.95 -5.37
C PHE A 170 -16.98 -5.70 -5.81
N PHE A 171 -16.10 -5.46 -4.85
CA PHE A 171 -14.66 -5.36 -5.15
C PHE A 171 -13.95 -6.70 -5.01
N ALA A 172 -14.27 -7.44 -3.95
CA ALA A 172 -13.53 -8.65 -3.61
C ALA A 172 -13.55 -9.72 -4.68
N ARG A 173 -14.61 -9.74 -5.48
CA ARG A 173 -14.70 -10.71 -6.56
C ARG A 173 -13.62 -10.51 -7.61
N HIS A 174 -13.02 -9.32 -7.68
CA HIS A 174 -11.92 -9.01 -8.58
C HIS A 174 -10.54 -9.08 -7.93
N PHE A 175 -10.50 -9.56 -6.69
CA PHE A 175 -9.30 -9.58 -5.87
C PHE A 175 -9.07 -11.04 -5.49
N LYS A 176 -8.24 -11.72 -6.28
CA LYS A 176 -8.20 -13.17 -6.28
C LYS A 176 -6.74 -13.64 -6.15
N PRO A 177 -6.49 -14.68 -5.39
CA PRO A 177 -5.10 -15.14 -5.22
C PRO A 177 -4.42 -15.47 -6.53
N ASP A 178 -5.13 -15.98 -7.53
CA ASP A 178 -4.40 -16.46 -8.73
C ASP A 178 -3.94 -15.32 -9.59
N ASP A 179 -4.53 -14.12 -9.47
CA ASP A 179 -4.15 -13.06 -10.40
C ASP A 179 -3.96 -11.68 -9.83
N THR A 180 -4.09 -11.49 -8.52
CA THR A 180 -3.95 -10.11 -8.01
C THR A 180 -2.59 -9.49 -8.32
N LEU A 181 -2.61 -8.23 -8.74
CA LEU A 181 -1.41 -7.44 -8.94
C LEU A 181 -0.93 -6.69 -7.68
N ALA A 182 -1.45 -7.08 -6.51
CA ALA A 182 -1.08 -6.45 -5.23
C ALA A 182 0.41 -6.64 -4.95
N SER A 183 1.00 -5.63 -4.32
CA SER A 183 2.42 -5.69 -3.93
C SER A 183 2.60 -5.39 -2.44
N VAL A 184 3.64 -6.00 -1.86
CA VAL A 184 4.18 -5.61 -0.58
C VAL A 184 5.49 -4.89 -0.78
N VAL A 185 5.71 -3.79 -0.04
CA VAL A 185 6.98 -3.09 -0.07
C VAL A 185 7.46 -2.96 1.34
N LEU A 186 8.67 -3.45 1.57
CA LEU A 186 9.31 -3.36 2.88
C LEU A 186 10.30 -2.20 2.86
N ILE A 187 9.85 -1.03 3.30
CA ILE A 187 10.66 0.18 3.21
C ILE A 187 11.40 0.42 4.51
N ARG A 188 12.70 0.63 4.41
CA ARG A 188 13.55 1.05 5.49
C ARG A 188 13.82 2.55 5.41
N TYR A 189 13.48 3.28 6.48
CA TYR A 189 13.89 4.67 6.64
C TYR A 189 14.96 4.67 7.71
N PRO A 190 16.20 5.02 7.37
CA PRO A 190 17.30 4.89 8.32
C PRO A 190 17.49 6.07 9.24
N TYR A 191 18.13 5.85 10.39
CA TYR A 191 18.75 6.90 11.16
C TYR A 191 20.13 7.13 10.54
N LEU A 192 20.45 8.39 10.25
CA LEU A 192 21.74 8.78 9.72
C LEU A 192 22.30 10.01 10.41
N ASP A 193 23.56 9.96 10.79
CA ASP A 193 24.21 11.10 11.42
C ASP A 193 25.59 11.27 10.78
N PRO A 194 25.78 12.29 9.93
CA PRO A 194 24.76 13.30 9.61
C PRO A 194 23.80 12.83 8.53
N TYR A 195 22.62 13.43 8.50
CA TYR A 195 21.64 13.07 7.51
C TYR A 195 21.89 13.82 6.20
N PRO A 196 21.94 13.13 5.06
CA PRO A 196 22.18 13.79 3.76
C PRO A 196 21.08 14.80 3.41
N GLU A 197 21.44 16.08 3.25
CA GLU A 197 20.49 17.13 2.84
C GLU A 197 19.85 16.82 1.50
N ALA A 198 20.58 16.17 0.61
CA ALA A 198 20.03 15.79 -0.66
C ALA A 198 18.88 14.79 -0.56
N ALA A 199 18.77 14.05 0.55
CA ALA A 199 17.62 13.16 0.81
C ALA A 199 16.45 13.83 1.55
N ILE A 200 16.58 15.13 1.78
CA ILE A 200 15.54 15.90 2.41
C ILE A 200 15.00 16.89 1.39
N LYS A 201 13.71 16.79 1.17
CA LYS A 201 13.00 17.76 0.37
C LYS A 201 12.34 18.77 1.30
N THR A 202 12.08 19.97 0.82
CA THR A 202 11.30 20.96 1.58
C THR A 202 10.04 21.31 0.77
N ALA A 203 8.88 21.23 1.43
CA ALA A 203 7.60 21.59 0.84
C ALA A 203 7.41 23.09 0.75
N ALA A 204 6.45 23.52 -0.07
CA ALA A 204 6.16 24.95 -0.19
C ALA A 204 5.87 25.60 1.17
N ASP A 205 5.24 24.87 2.09
CA ASP A 205 4.91 25.42 3.40
C ASP A 205 6.06 25.38 4.44
N GLY A 206 7.24 24.93 4.02
CA GLY A 206 8.44 24.89 4.86
C GLY A 206 8.75 23.53 5.45
N THR A 207 7.78 22.63 5.39
CA THR A 207 7.95 21.32 6.04
C THR A 207 9.05 20.50 5.37
N LYS A 208 9.97 19.95 6.16
CA LYS A 208 10.96 19.04 5.65
C LYS A 208 10.34 17.67 5.41
N LEU A 209 10.56 17.14 4.21
CA LEU A 209 9.96 15.90 3.72
C LEU A 209 10.96 14.84 3.29
N SER A 210 10.60 13.59 3.45
CA SER A 210 11.27 12.50 2.78
C SER A 210 10.64 12.25 1.42
N PHE A 211 9.31 12.37 1.35
CA PHE A 211 8.57 12.18 0.08
C PHE A 211 7.48 13.23 -0.06
N GLU A 212 7.39 13.82 -1.25
CA GLU A 212 6.42 14.87 -1.56
C GLU A 212 5.02 14.30 -1.73
N TRP A 213 4.08 15.23 -1.90
CA TRP A 213 2.67 14.89 -1.95
C TRP A 213 2.37 13.94 -3.10
N HIS A 214 1.41 13.04 -2.85
CA HIS A 214 1.01 12.09 -3.86
C HIS A 214 -0.35 11.50 -3.50
N GLU A 215 -0.99 10.93 -4.51
CA GLU A 215 -2.10 10.03 -4.33
C GLU A 215 -1.57 8.61 -4.57
N ASP A 216 -2.05 7.64 -3.83
CA ASP A 216 -1.60 6.27 -4.05
C ASP A 216 -2.13 5.66 -5.36
N VAL A 217 -1.27 4.85 -5.99
CA VAL A 217 -1.66 3.98 -7.08
C VAL A 217 -2.09 2.65 -6.49
N SER A 218 -3.40 2.52 -6.30
CA SER A 218 -4.01 1.39 -5.66
C SER A 218 -5.54 1.52 -5.71
N LEU A 219 -6.24 0.44 -5.42
CA LEU A 219 -7.67 0.54 -5.06
C LEU A 219 -7.75 1.06 -3.61
N ILE A 220 -7.15 0.33 -2.67
CA ILE A 220 -6.88 0.83 -1.32
C ILE A 220 -5.42 0.47 -0.93
N THR A 221 -4.91 1.16 0.08
CA THR A 221 -3.58 0.88 0.61
C THR A 221 -3.73 0.45 2.07
N VAL A 222 -3.00 -0.59 2.48
CA VAL A 222 -3.13 -1.22 3.78
C VAL A 222 -1.73 -1.20 4.38
N LEU A 223 -1.48 -0.29 5.32
CA LEU A 223 -0.11 0.11 5.69
C LEU A 223 0.18 -0.15 7.16
N TYR A 224 1.27 -0.84 7.43
CA TYR A 224 1.84 -0.89 8.76
C TYR A 224 3.04 0.07 8.81
N GLN A 225 3.15 0.85 9.88
CA GLN A 225 4.35 1.65 10.11
C GLN A 225 4.75 1.53 11.57
N SER A 226 6.05 1.72 11.82
CA SER A 226 6.57 1.96 13.17
C SER A 226 5.89 3.10 13.86
N ASN A 227 6.06 3.15 15.19
CA ASN A 227 5.45 4.16 16.00
C ASN A 227 6.30 5.44 16.04
N VAL A 228 6.46 6.05 14.89
CA VAL A 228 7.13 7.34 14.75
C VAL A 228 6.24 8.14 13.82
N GLN A 229 5.70 9.24 14.32
CA GLN A 229 4.79 10.06 13.51
C GLN A 229 5.54 10.65 12.29
N ASN A 230 4.92 10.57 11.12
CA ASN A 230 5.56 11.08 9.90
C ASN A 230 4.60 11.47 8.81
N LEU A 231 3.43 10.87 8.73
CA LEU A 231 2.54 11.09 7.59
C LEU A 231 1.68 12.32 7.79
N GLN A 232 1.42 13.06 6.71
CA GLN A 232 0.45 14.13 6.76
C GLN A 232 -0.53 14.01 5.60
N VAL A 233 -1.76 14.46 5.85
CA VAL A 233 -2.81 14.48 4.85
C VAL A 233 -3.27 15.89 4.57
N GLU A 234 -3.49 16.18 3.30
CA GLU A 234 -3.98 17.50 2.92
C GLU A 234 -5.48 17.52 3.11
N THR A 235 -5.96 18.50 3.86
CA THR A 235 -7.40 18.74 4.03
C THR A 235 -7.68 20.18 3.62
N ALA A 236 -8.93 20.61 3.73
CA ALA A 236 -9.26 22.02 3.50
C ALA A 236 -8.52 22.92 4.51
N ALA A 237 -8.38 22.42 5.74
CA ALA A 237 -7.63 23.10 6.81
C ALA A 237 -6.10 23.13 6.62
N GLY A 238 -5.62 22.51 5.53
CA GLY A 238 -4.19 22.48 5.20
C GLY A 238 -3.71 21.07 5.52
N TYR A 239 -2.39 20.86 5.51
CA TYR A 239 -1.85 19.57 5.92
C TYR A 239 -2.01 19.34 7.42
N GLN A 240 -2.44 18.12 7.79
CA GLN A 240 -2.65 17.72 9.15
C GLN A 240 -1.85 16.45 9.43
N ASP A 241 -1.35 16.32 10.66
CA ASP A 241 -0.56 15.15 11.07
C ASP A 241 -1.45 13.93 11.30
N ILE A 242 -1.05 12.82 10.71
CA ILE A 242 -1.64 11.52 11.01
C ILE A 242 -0.85 10.87 12.14
N GLU A 243 -1.52 10.60 13.26
CA GLU A 243 -0.89 9.99 14.42
C GLU A 243 -0.41 8.59 14.03
N ALA A 244 0.70 8.19 14.63
CA ALA A 244 1.20 6.83 14.46
C ALA A 244 0.42 5.90 15.37
N ASP A 245 0.31 4.65 14.93
CA ASP A 245 -0.23 3.56 15.72
C ASP A 245 0.34 2.26 15.14
N ASP A 246 1.34 1.74 15.83
CA ASP A 246 2.01 0.53 15.36
C ASP A 246 1.29 -0.76 15.79
N THR A 247 0.05 -0.64 16.28
CA THR A 247 -0.81 -1.83 16.47
C THR A 247 -1.85 -1.99 15.41
N GLY A 248 -2.09 -0.94 14.65
CA GLY A 248 -3.12 -0.94 13.63
C GLY A 248 -2.57 -0.83 12.23
N TYR A 249 -3.47 -1.01 11.26
CA TYR A 249 -3.18 -0.77 9.87
C TYR A 249 -3.82 0.54 9.44
N LEU A 250 -3.03 1.43 8.91
CA LEU A 250 -3.55 2.68 8.34
C LEU A 250 -4.09 2.38 6.94
N ILE A 251 -5.36 2.73 6.70
CA ILE A 251 -6.05 2.43 5.46
C ILE A 251 -6.42 3.74 4.78
N ASN A 252 -6.24 3.78 3.46
CA ASN A 252 -6.76 4.87 2.63
C ASN A 252 -7.09 4.37 1.22
N CYS A 253 -7.87 5.15 0.50
CA CYS A 253 -8.16 4.86 -0.90
C CYS A 253 -7.09 5.36 -1.84
N GLY A 254 -6.88 4.61 -2.91
CA GLY A 254 -6.05 5.05 -4.01
C GLY A 254 -6.89 5.61 -5.16
N SER A 255 -6.20 6.03 -6.20
CA SER A 255 -6.87 6.76 -7.27
C SER A 255 -7.80 5.86 -8.11
N TYR A 256 -7.64 4.54 -8.07
CA TYR A 256 -8.60 3.69 -8.77
C TYR A 256 -9.95 3.80 -8.06
N MET A 257 -9.97 3.82 -6.72
CA MET A 257 -11.24 3.98 -6.01
C MET A 257 -11.86 5.33 -6.32
N ALA A 258 -11.05 6.37 -6.41
CA ALA A 258 -11.58 7.69 -6.75
C ALA A 258 -12.20 7.68 -8.13
N HIS A 259 -11.53 7.05 -9.08
CA HIS A 259 -12.10 6.92 -10.43
C HIS A 259 -13.48 6.21 -10.40
N LEU A 260 -13.52 5.03 -9.78
CA LEU A 260 -14.75 4.20 -9.74
C LEU A 260 -15.91 4.90 -9.07
N THR A 261 -15.66 5.76 -8.07
CA THR A 261 -16.71 6.39 -7.30
C THR A 261 -16.93 7.85 -7.71
N ASN A 262 -16.31 8.27 -8.81
CA ASN A 262 -16.39 9.69 -9.28
C ASN A 262 -16.00 10.67 -8.17
N ASN A 263 -14.94 10.30 -7.47
CA ASN A 263 -14.34 11.12 -6.42
C ASN A 263 -15.21 11.27 -5.19
N TYR A 264 -16.24 10.45 -5.05
CA TYR A 264 -17.01 10.38 -3.82
C TYR A 264 -16.13 9.89 -2.69
N TYR A 265 -15.35 8.82 -2.94
CA TYR A 265 -14.24 8.44 -2.05
C TYR A 265 -12.96 8.88 -2.74
N LYS A 266 -12.45 10.03 -2.31
CA LYS A 266 -11.27 10.60 -2.91
C LYS A 266 -10.07 9.77 -2.53
N ALA A 267 -9.05 9.82 -3.37
CA ALA A 267 -7.75 9.33 -2.98
C ALA A 267 -7.05 10.51 -2.28
N PRO A 268 -6.86 10.45 -0.97
CA PRO A 268 -6.31 11.61 -0.26
C PRO A 268 -4.86 11.88 -0.66
N ILE A 269 -4.55 13.17 -0.75
CA ILE A 269 -3.19 13.62 -1.01
C ILE A 269 -2.47 13.60 0.31
N HIS A 270 -1.33 12.93 0.33
CA HIS A 270 -0.56 12.80 1.55
C HIS A 270 0.92 12.83 1.25
N ARG A 271 1.72 13.05 2.29
CA ARG A 271 3.17 13.17 2.13
C ARG A 271 3.85 12.65 3.38
N VAL A 272 5.16 12.46 3.27
CA VAL A 272 5.95 11.84 4.32
C VAL A 272 6.96 12.87 4.86
N LYS A 273 6.77 13.28 6.11
CA LYS A 273 7.72 14.17 6.78
C LYS A 273 9.06 13.47 6.98
N TRP A 274 10.13 14.24 6.82
CA TRP A 274 11.45 13.83 7.20
C TRP A 274 11.52 13.69 8.73
N VAL A 275 11.93 12.51 9.19
CA VAL A 275 12.24 12.26 10.59
C VAL A 275 13.54 11.51 10.65
N ASN A 276 14.51 11.97 11.45
CA ASN A 276 15.78 11.21 11.53
C ASN A 276 15.68 10.09 12.58
N ALA A 277 15.10 8.99 12.13
CA ALA A 277 14.78 7.85 12.98
C ALA A 277 14.80 6.60 12.15
N GLU A 278 15.30 5.52 12.75
CA GLU A 278 15.26 4.20 12.17
C GLU A 278 13.85 3.66 12.27
N ARG A 279 13.20 3.45 11.14
CA ARG A 279 11.82 3.04 11.14
C ARG A 279 11.44 2.29 9.88
N GLN A 280 10.21 1.78 9.89
CA GLN A 280 9.67 0.91 8.87
C GLN A 280 8.36 1.45 8.31
N SER A 281 8.19 1.32 7.01
CA SER A 281 6.94 1.60 6.34
C SER A 281 6.66 0.41 5.43
N LEU A 282 5.60 -0.34 5.70
CA LEU A 282 5.33 -1.63 5.07
C LEU A 282 3.94 -1.59 4.42
N PRO A 283 3.82 -0.91 3.28
CA PRO A 283 2.54 -0.90 2.59
C PRO A 283 2.22 -2.18 1.81
N PHE A 284 0.94 -2.52 1.78
CA PHE A 284 0.35 -3.49 0.86
C PHE A 284 -0.58 -2.70 -0.05
N PHE A 285 -0.26 -2.65 -1.33
CA PHE A 285 -1.07 -1.97 -2.31
C PHE A 285 -2.05 -2.94 -2.88
N VAL A 286 -3.32 -2.69 -2.57
CA VAL A 286 -4.40 -3.56 -3.00
C VAL A 286 -4.75 -3.23 -4.44
N ASN A 287 -4.27 -4.09 -5.32
CA ASN A 287 -4.51 -4.02 -6.76
C ASN A 287 -5.36 -5.22 -7.20
N LEU A 288 -6.17 -5.04 -8.24
CA LEU A 288 -7.03 -6.09 -8.75
C LEU A 288 -6.27 -6.85 -9.81
N GLY A 289 -6.97 -7.60 -10.67
CA GLY A 289 -6.30 -8.30 -11.74
C GLY A 289 -6.10 -7.47 -12.97
N TYR A 290 -5.24 -7.94 -13.87
CA TYR A 290 -4.88 -7.18 -15.06
C TYR A 290 -6.10 -6.78 -15.90
N ASP A 291 -7.04 -7.70 -16.03
CA ASP A 291 -8.23 -7.52 -16.85
C ASP A 291 -9.45 -7.05 -16.07
N SER A 292 -9.30 -6.82 -14.77
CA SER A 292 -10.41 -6.37 -13.95
C SER A 292 -10.95 -5.00 -14.34
N VAL A 293 -12.25 -4.94 -14.61
CA VAL A 293 -12.90 -3.67 -14.90
C VAL A 293 -14.13 -3.57 -14.02
N ILE A 294 -14.22 -2.48 -13.27
CA ILE A 294 -15.44 -2.16 -12.57
C ILE A 294 -16.00 -0.94 -13.27
N ASP A 295 -17.29 -0.97 -13.59
CA ASP A 295 -17.93 0.14 -14.27
C ASP A 295 -18.03 1.30 -13.30
N PRO A 296 -17.49 2.47 -13.68
CA PRO A 296 -17.59 3.63 -12.79
C PRO A 296 -19.04 3.96 -12.45
N PHE A 297 -19.25 4.46 -11.24
CA PHE A 297 -20.57 4.90 -10.79
C PHE A 297 -20.42 6.17 -9.95
N ASP A 298 -21.55 6.71 -9.53
CA ASP A 298 -21.54 7.91 -8.70
C ASP A 298 -22.61 7.79 -7.63
N PRO A 299 -22.22 7.43 -6.41
CA PRO A 299 -23.15 7.29 -5.29
C PRO A 299 -23.89 8.56 -4.85
N ARG A 300 -23.50 9.72 -5.34
CA ARG A 300 -24.22 10.96 -5.06
C ARG A 300 -25.44 11.14 -5.96
N GLU A 301 -25.49 10.41 -7.07
CA GLU A 301 -26.55 10.63 -8.06
C GLU A 301 -27.65 9.61 -7.87
N PRO A 302 -28.90 10.06 -7.88
CA PRO A 302 -30.03 9.13 -7.79
C PRO A 302 -29.89 7.88 -8.68
N ASN A 303 -29.51 8.02 -9.96
CA ASN A 303 -29.39 6.86 -10.87
C ASN A 303 -28.03 6.15 -10.80
N GLY A 304 -27.15 6.66 -9.97
CA GLY A 304 -25.81 6.12 -9.79
C GLY A 304 -24.90 6.21 -11.00
N LYS A 305 -25.28 6.96 -12.03
CA LYS A 305 -24.54 6.97 -13.29
C LYS A 305 -23.39 7.97 -13.25
N SER A 306 -22.28 7.61 -13.90
CA SER A 306 -21.09 8.43 -13.94
C SER A 306 -20.73 8.70 -15.40
N ASP A 307 -20.15 9.86 -15.69
CA ASP A 307 -19.60 10.19 -17.02
C ASP A 307 -18.09 9.93 -17.10
N ARG A 308 -17.64 8.89 -16.44
CA ARG A 308 -16.25 8.44 -16.52
C ARG A 308 -16.20 7.17 -17.36
N GLU A 309 -15.11 6.98 -18.09
CA GLU A 309 -14.98 5.80 -18.93
C GLU A 309 -14.39 4.65 -18.12
N PRO A 310 -14.87 3.43 -18.36
CA PRO A 310 -14.29 2.27 -17.68
C PRO A 310 -12.82 2.15 -18.04
N LEU A 311 -12.05 1.77 -17.04
CA LEU A 311 -10.61 1.62 -17.15
C LEU A 311 -10.25 0.30 -16.52
N SER A 312 -9.56 -0.56 -17.26
CA SER A 312 -9.10 -1.84 -16.70
C SER A 312 -8.02 -1.58 -15.68
N TYR A 313 -7.95 -2.48 -14.70
CA TYR A 313 -6.94 -2.30 -13.65
C TYR A 313 -5.53 -2.34 -14.19
N GLY A 314 -5.26 -3.23 -15.16
CA GLY A 314 -3.93 -3.30 -15.74
C GLY A 314 -3.53 -2.02 -16.46
N ASP A 315 -4.44 -1.38 -17.20
CA ASP A 315 -4.17 -0.06 -17.80
C ASP A 315 -3.90 1.01 -16.73
N TYR A 316 -4.75 1.05 -15.72
CA TYR A 316 -4.57 1.97 -14.59
C TYR A 316 -3.19 1.82 -13.96
N LEU A 317 -2.81 0.58 -13.67
CA LEU A 317 -1.56 0.32 -12.96
C LEU A 317 -0.34 0.67 -13.82
N GLN A 318 -0.30 0.19 -15.06
CA GLN A 318 0.81 0.49 -15.94
C GLN A 318 1.01 2.00 -16.03
N ASN A 319 -0.08 2.73 -16.32
CA ASN A 319 -0.04 4.18 -16.38
C ASN A 319 0.42 4.85 -15.09
N GLY A 320 -0.07 4.38 -13.95
CA GLY A 320 0.25 4.94 -12.66
C GLY A 320 1.68 4.72 -12.22
N LEU A 321 2.24 3.55 -12.52
CA LEU A 321 3.56 3.20 -12.01
C LEU A 321 4.63 4.00 -12.75
N VAL A 322 4.37 4.29 -14.03
CA VAL A 322 5.25 5.19 -14.80
C VAL A 322 5.17 6.63 -14.28
N SER A 323 3.95 7.14 -14.13
CA SER A 323 3.73 8.42 -13.49
C SER A 323 4.12 8.33 -12.00
C1 APV B . 4.80 -1.69 -7.03
C2 APV B . 5.40 -0.77 -5.96
C3 APV B . 4.69 0.58 -5.94
C4 APV B . 5.31 1.49 -4.85
C7 APV B . 4.66 2.88 -4.76
C10 APV B . 5.46 3.77 -3.85
N11 APV B . 4.75 4.42 -2.89
C12 APV B . 5.31 5.50 -2.12
C13 APV B . 6.48 5.22 -1.15
N14 APV B . 6.86 -0.72 -6.12
O15 APV B . 6.68 3.89 -3.99
C16 APV B . 4.55 5.91 -0.82
S17 APV B . 3.31 4.87 -0.07
O18 APV B . 7.63 4.83 -1.25
O19 APV B . 5.32 -2.04 -8.05
O20 APV B . 3.57 -2.07 -6.69
N29 APV B . 5.76 5.61 -0.02
C30 APV B . 5.58 5.04 1.32
C31 APV B . 6.45 5.66 2.32
C32 APV B . 4.04 5.10 1.63
C33 APV B . 3.60 6.42 2.28
O42 APV B . 6.37 5.53 3.52
O32 APV B . 2.75 7.28 1.55
O43 APV B . 7.47 6.36 1.71
S SO4 C . 5.73 -18.29 8.87
O1 SO4 C . 6.71 -18.38 7.78
O2 SO4 C . 4.64 -19.23 8.58
O3 SO4 C . 6.41 -18.69 10.12
O4 SO4 C . 5.11 -16.96 9.04
FE FE2 D . 1.12 7.10 -0.14
#